data_2GEC
#
_entry.id   2GEC
#
_cell.length_a   100.055
_cell.length_b   46.210
_cell.length_c   74.176
_cell.angle_alpha   90.00
_cell.angle_beta   121.06
_cell.angle_gamma   90.00
#
_symmetry.space_group_name_H-M   'C 1 2 1'
#
loop_
_entity.id
_entity.type
_entity.pdbx_description
1 polymer 'Nucleocapsid protein'
2 water water
#
_entity_poly.entity_id   1
_entity_poly.type   'polypeptide(L)'
_entity_poly.pdbx_seq_one_letter_code
;PRPPKVGSSGNASWFQAIKAKKLNSPQPKFEGSGVPDNENLKTSQQHGYWRRQARFKPGKGRRKPVPDAWYFYYTGTGPA
ADLNWGDSQDGIVWVAAKGADVKSRSNQGTRDPDKFDQYPLRFSDGGPDGNFRWDFIPL
;
_entity_poly.pdbx_strand_id   A,B
#
# COMPACT_ATOMS: atom_id res chain seq x y z
N ARG A 2 2.90 11.70 -17.57
CA ARG A 2 4.08 10.89 -17.30
C ARG A 2 3.61 9.60 -16.74
N PRO A 3 4.10 8.41 -17.21
CA PRO A 3 3.72 7.18 -16.52
C PRO A 3 4.38 7.13 -15.19
N PRO A 4 3.72 6.47 -14.25
CA PRO A 4 4.31 6.32 -12.92
C PRO A 4 5.52 5.45 -12.94
N LYS A 5 6.44 5.75 -12.03
CA LYS A 5 7.65 4.92 -11.87
C LYS A 5 7.36 3.99 -10.69
N VAL A 6 7.03 2.75 -11.02
CA VAL A 6 6.68 1.75 -10.08
C VAL A 6 7.88 0.75 -10.06
N GLY A 7 8.67 0.83 -9.02
CA GLY A 7 9.88 0.03 -8.87
C GLY A 7 9.87 -1.09 -7.92
N SER A 8 8.81 -1.24 -7.14
CA SER A 8 8.83 -2.32 -6.15
C SER A 8 8.26 -3.57 -6.77
N SER A 9 8.88 -4.71 -6.45
CA SER A 9 8.36 -5.99 -6.83
C SER A 9 7.17 -6.40 -5.89
N GLY A 10 6.91 -5.63 -4.84
CA GLY A 10 5.77 -5.94 -4.00
C GLY A 10 6.02 -5.34 -2.63
N ASN A 11 4.97 -4.73 -2.05
CA ASN A 11 5.13 -4.13 -0.77
C ASN A 11 4.26 -4.69 0.31
N ALA A 12 3.62 -5.84 0.08
CA ALA A 12 2.81 -6.43 1.13
C ALA A 12 3.69 -7.35 1.93
N SER A 13 3.86 -7.07 3.18
CA SER A 13 4.63 -7.97 4.01
C SER A 13 4.04 -9.36 4.05
N TRP A 14 4.89 -10.39 4.21
CA TRP A 14 4.32 -11.71 4.42
C TRP A 14 3.59 -11.86 5.72
N PHE A 15 3.92 -11.03 6.70
CA PHE A 15 3.46 -11.20 8.07
C PHE A 15 2.51 -10.08 8.49
N GLN A 16 1.65 -10.40 9.45
CA GLN A 16 0.92 -9.36 10.14
C GLN A 16 1.83 -8.26 10.71
N ALA A 17 1.29 -7.08 10.92
CA ALA A 17 2.05 -5.95 11.52
C ALA A 17 2.18 -6.14 13.02
N ILE A 18 3.16 -5.43 13.58
CA ILE A 18 3.04 -5.08 15.01
C ILE A 18 2.58 -3.67 15.13
N LYS A 19 1.82 -3.39 16.22
CA LYS A 19 1.21 -2.09 16.38
C LYS A 19 1.73 -1.43 17.64
N ALA A 20 2.13 -0.14 17.52
CA ALA A 20 2.41 0.64 18.74
C ALA A 20 1.16 0.83 19.58
N LYS A 21 1.36 1.12 20.86
CA LYS A 21 0.19 1.34 21.72
C LYS A 21 -0.21 2.77 21.82
N LYS A 22 0.70 3.71 21.47
CA LYS A 22 0.54 5.15 21.72
C LYS A 22 0.98 5.95 20.51
N LEU A 23 0.54 7.17 20.39
CA LEU A 23 0.91 8.02 19.24
C LEU A 23 2.39 8.35 19.24
N ASN A 24 2.97 8.38 20.44
CA ASN A 24 4.40 8.73 20.58
C ASN A 24 5.24 7.55 21.14
N SER A 25 4.88 6.29 20.83
CA SER A 25 5.69 5.13 21.14
C SER A 25 7.05 5.20 20.46
N PRO A 26 8.08 4.68 21.12
CA PRO A 26 9.39 4.48 20.53
C PRO A 26 9.37 3.45 19.41
N GLN A 27 10.49 3.34 18.73
CA GLN A 27 10.59 2.33 17.67
C GLN A 27 10.74 0.97 18.33
N PRO A 28 10.33 -0.10 17.65
CA PRO A 28 10.36 -1.44 18.29
C PRO A 28 11.74 -1.88 18.68
N LYS A 29 11.81 -2.51 19.82
CA LYS A 29 12.99 -3.20 20.28
C LYS A 29 12.50 -4.61 20.55
N PHE A 30 13.40 -5.53 20.53
CA PHE A 30 13.06 -7.00 20.60
C PHE A 30 13.91 -7.71 21.63
N GLU A 31 13.33 -8.67 22.36
CA GLU A 31 14.11 -9.47 23.28
C GLU A 31 15.13 -10.29 22.53
N GLY A 32 14.74 -10.98 21.49
CA GLY A 32 15.78 -11.72 20.72
C GLY A 32 16.14 -11.00 19.46
N SER A 33 16.18 -11.70 18.31
CA SER A 33 16.63 -11.12 17.02
C SER A 33 15.65 -10.13 16.43
N GLY A 34 14.36 -10.33 16.61
CA GLY A 34 13.34 -9.50 15.97
C GLY A 34 13.03 -10.01 14.57
N VAL A 35 13.61 -11.12 14.12
CA VAL A 35 13.24 -11.78 12.87
C VAL A 35 12.10 -12.73 13.13
N PRO A 36 10.99 -12.65 12.38
CA PRO A 36 9.89 -13.60 12.61
C PRO A 36 10.27 -15.06 12.40
N ASP A 37 9.61 -15.96 13.12
CA ASP A 37 9.78 -17.39 12.86
C ASP A 37 9.41 -17.64 11.38
N ASN A 38 10.28 -18.37 10.67
CA ASN A 38 10.01 -18.81 9.32
C ASN A 38 11.05 -19.88 8.99
N GLU A 39 10.62 -21.13 9.01
CA GLU A 39 11.51 -22.26 8.77
C GLU A 39 11.93 -22.45 7.33
N ASN A 40 11.33 -21.73 6.38
CA ASN A 40 11.58 -21.86 4.94
C ASN A 40 12.96 -21.34 4.52
N LEU A 41 13.63 -20.61 5.42
CA LEU A 41 14.88 -19.97 5.03
C LEU A 41 16.07 -20.57 5.78
N LYS A 42 17.23 -20.50 5.21
CA LYS A 42 18.45 -20.91 5.91
C LYS A 42 18.90 -19.82 6.89
N THR A 43 19.73 -20.14 7.88
CA THR A 43 20.09 -19.23 8.90
C THR A 43 20.73 -17.97 8.33
N SER A 44 21.60 -18.17 7.37
CA SER A 44 22.35 -17.03 6.76
C SER A 44 21.43 -15.96 6.24
N GLN A 45 20.26 -16.36 5.82
CA GLN A 45 19.32 -15.46 5.13
C GLN A 45 18.34 -14.81 6.06
N GLN A 46 18.44 -15.07 7.35
CA GLN A 46 17.44 -14.61 8.33
C GLN A 46 17.75 -13.19 8.80
N HIS A 47 17.36 -12.21 7.97
CA HIS A 47 17.63 -10.77 8.29
C HIS A 47 16.72 -9.95 7.47
N GLY A 48 16.41 -8.77 8.00
CA GLY A 48 15.53 -7.90 7.29
C GLY A 48 15.27 -6.66 8.12
N TYR A 49 14.17 -5.97 7.87
CA TYR A 49 13.85 -4.70 8.55
C TYR A 49 12.41 -4.58 8.85
N TRP A 50 12.11 -3.82 9.92
CA TRP A 50 10.75 -3.42 10.23
C TRP A 50 10.62 -1.98 9.74
N ARG A 51 9.49 -1.70 9.15
CA ARG A 51 9.26 -0.35 8.57
C ARG A 51 7.95 0.26 9.07
N ARG A 52 8.05 1.50 9.57
CA ARG A 52 6.90 2.23 10.11
C ARG A 52 5.90 2.59 9.04
N GLN A 53 4.63 2.52 9.40
CA GLN A 53 3.54 3.07 8.59
C GLN A 53 2.63 3.86 9.49
N ALA A 54 2.43 5.11 9.10
CA ALA A 54 1.44 5.95 9.74
C ALA A 54 0.01 5.44 9.53
N ARG A 55 -0.81 5.54 10.54
CA ARG A 55 -2.21 5.16 10.45
C ARG A 55 -3.11 6.32 10.95
N PHE A 56 -4.34 6.33 10.46
CA PHE A 56 -5.32 7.31 10.83
C PHE A 56 -6.67 6.69 10.91
N LYS A 57 -7.58 7.47 11.56
CA LYS A 57 -8.99 7.09 11.66
C LYS A 57 -9.87 8.27 11.23
N PRO A 58 -11.15 7.98 10.85
CA PRO A 58 -12.23 8.92 10.74
C PRO A 58 -12.65 9.29 12.18
N GLY A 59 -13.68 9.82 12.78
CA GLY A 59 -14.15 10.96 12.05
C GLY A 59 -12.97 11.87 12.03
N LYS A 60 -13.23 13.11 12.83
CA LYS A 60 -14.36 13.38 13.79
C LYS A 60 -14.99 14.75 13.63
N GLY A 61 -14.23 15.45 12.46
CA GLY A 61 -12.97 15.16 11.76
C GLY A 61 -13.09 14.72 10.32
N ARG A 62 -12.26 15.34 9.34
CA ARG A 62 -10.80 15.62 9.33
C ARG A 62 -10.05 14.54 10.10
N ARG A 63 -9.32 13.68 9.38
CA ARG A 63 -8.79 12.40 9.93
C ARG A 63 -7.94 12.65 11.13
N LYS A 64 -7.89 11.66 12.04
CA LYS A 64 -7.08 11.75 13.30
C LYS A 64 -6.03 10.67 13.34
N PRO A 65 -4.82 10.99 13.83
CA PRO A 65 -3.82 9.92 13.91
C PRO A 65 -4.12 8.80 14.89
N VAL A 66 -3.67 7.59 14.63
CA VAL A 66 -3.69 6.56 15.62
C VAL A 66 -2.27 5.95 15.65
N PRO A 67 -2.01 5.06 16.56
CA PRO A 67 -0.60 4.60 16.66
C PRO A 67 -0.06 3.92 15.37
N ASP A 68 1.25 4.03 15.18
CA ASP A 68 1.90 3.45 14.02
C ASP A 68 1.78 1.90 13.98
N ALA A 69 1.81 1.38 12.75
CA ALA A 69 2.07 -0.02 12.60
C ALA A 69 3.52 -0.16 12.05
N TRP A 70 4.13 -1.33 12.28
CA TRP A 70 5.41 -1.67 11.64
C TRP A 70 5.28 -3.04 11.00
N TYR A 71 5.83 -3.15 9.78
CA TYR A 71 5.77 -4.39 8.99
C TYR A 71 7.18 -4.88 8.69
N PHE A 72 7.36 -6.19 8.70
CA PHE A 72 8.64 -6.79 8.43
C PHE A 72 8.82 -7.17 6.93
N TYR A 73 10.03 -6.90 6.43
CA TYR A 73 10.43 -7.28 5.11
C TYR A 73 11.83 -7.88 5.13
N TYR A 74 12.07 -8.96 4.37
CA TYR A 74 13.41 -9.46 4.23
C TYR A 74 14.29 -8.44 3.51
N THR A 75 15.58 -8.41 3.79
CA THR A 75 16.47 -7.46 3.10
C THR A 75 16.37 -7.58 1.60
N GLY A 76 16.36 -6.44 0.95
CA GLY A 76 16.28 -6.46 -0.51
C GLY A 76 14.87 -6.63 -1.06
N THR A 77 13.86 -6.57 -0.21
CA THR A 77 12.44 -6.62 -0.61
C THR A 77 11.74 -5.47 0.00
N GLY A 78 10.53 -5.19 -0.46
CA GLY A 78 9.64 -4.21 0.16
C GLY A 78 10.03 -2.79 -0.20
N PRO A 79 9.45 -1.83 0.51
CA PRO A 79 9.63 -0.40 0.13
C PRO A 79 11.09 0.02 0.22
N ALA A 80 11.83 -0.53 1.16
CA ALA A 80 13.24 -0.19 1.31
C ALA A 80 14.17 -1.26 0.77
N ALA A 81 13.74 -1.92 -0.28
CA ALA A 81 14.52 -2.95 -0.95
C ALA A 81 15.89 -2.50 -1.39
N ASP A 82 16.09 -1.21 -1.72
CA ASP A 82 17.39 -0.76 -2.15
C ASP A 82 18.40 -0.53 -1.03
N LEU A 83 17.91 -0.45 0.21
CA LEU A 83 18.84 -0.27 1.30
C LEU A 83 19.70 -1.51 1.57
N ASN A 84 20.93 -1.27 1.97
CA ASN A 84 21.74 -2.35 2.51
C ASN A 84 21.45 -2.51 3.99
N TRP A 85 21.64 -3.73 4.51
CA TRP A 85 21.37 -3.97 5.90
C TRP A 85 22.19 -3.00 6.76
N GLY A 86 21.56 -2.35 7.75
CA GLY A 86 22.23 -1.44 8.66
C GLY A 86 22.17 0.00 8.18
N ASP A 87 21.75 0.30 6.95
CA ASP A 87 21.68 1.70 6.52
C ASP A 87 20.65 2.41 7.34
N SER A 88 21.02 3.62 7.78
CA SER A 88 20.18 4.39 8.70
C SER A 88 19.06 5.09 7.92
N GLN A 89 17.82 4.91 8.32
CA GLN A 89 16.72 5.66 7.70
C GLN A 89 15.65 5.80 8.77
N ASP A 90 15.05 6.99 8.92
CA ASP A 90 13.98 7.15 9.87
C ASP A 90 12.84 6.18 9.52
N GLY A 91 12.31 5.46 10.52
CA GLY A 91 11.22 4.55 10.26
C GLY A 91 11.67 3.14 9.83
N ILE A 92 12.99 2.83 9.91
CA ILE A 92 13.48 1.51 9.55
C ILE A 92 14.27 0.97 10.74
N VAL A 93 13.96 -0.26 11.20
CA VAL A 93 14.71 -0.93 12.23
C VAL A 93 15.27 -2.25 11.63
N TRP A 94 16.57 -2.42 11.60
CA TRP A 94 17.18 -3.60 11.05
C TRP A 94 17.28 -4.70 12.10
N VAL A 95 17.03 -5.93 11.68
CA VAL A 95 17.07 -7.11 12.54
C VAL A 95 17.82 -8.22 11.84
N ALA A 96 18.49 -9.10 12.61
CA ALA A 96 19.18 -10.23 11.99
C ALA A 96 19.33 -11.31 13.04
N ALA A 97 19.13 -12.56 12.64
CA ALA A 97 19.36 -13.75 13.49
C ALA A 97 20.81 -13.91 13.80
N LYS A 98 21.10 -14.57 14.92
CA LYS A 98 22.44 -15.04 15.18
C LYS A 98 22.83 -15.99 14.03
N GLY A 99 23.97 -15.75 13.39
CA GLY A 99 24.38 -16.58 12.29
C GLY A 99 23.98 -16.02 10.92
N ALA A 100 23.24 -14.90 10.92
CA ALA A 100 22.87 -14.29 9.63
C ALA A 100 24.11 -13.71 8.92
N ASP A 101 24.12 -13.80 7.59
CA ASP A 101 25.12 -13.07 6.77
C ASP A 101 24.29 -12.01 6.02
N VAL A 102 24.41 -10.78 6.45
CA VAL A 102 23.43 -9.78 5.96
C VAL A 102 23.66 -9.35 4.49
N LYS A 103 24.77 -9.75 3.88
CA LYS A 103 24.99 -9.58 2.45
C LYS A 103 24.25 -10.60 1.63
N SER A 104 23.80 -11.69 2.27
CA SER A 104 23.05 -12.73 1.53
C SER A 104 21.69 -12.23 1.18
N ARG A 105 21.06 -12.88 0.23
CA ARG A 105 19.70 -12.54 -0.17
C ARG A 105 18.83 -13.73 -0.23
N SER A 106 17.63 -13.64 0.28
CA SER A 106 16.69 -14.74 0.20
C SER A 106 15.92 -14.62 -1.15
N ASN A 107 15.27 -15.65 -1.55
CA ASN A 107 14.33 -15.45 -2.61
C ASN A 107 12.91 -15.45 -2.08
N GLN A 108 12.75 -15.10 -0.78
CA GLN A 108 11.47 -15.19 -0.16
C GLN A 108 10.50 -14.11 -0.73
N GLY A 109 11.03 -12.97 -1.16
CA GLY A 109 10.17 -11.95 -1.79
C GLY A 109 9.12 -11.42 -0.86
N THR A 110 7.99 -10.98 -1.40
CA THR A 110 6.91 -10.44 -0.62
C THR A 110 5.62 -11.19 -0.94
N ARG A 111 4.56 -10.84 -0.28
CA ARG A 111 3.29 -11.60 -0.35
C ARG A 111 2.34 -11.02 -1.39
N ASP A 112 1.77 -11.86 -2.23
CA ASP A 112 0.61 -11.43 -3.07
C ASP A 112 -0.67 -11.50 -2.26
N PRO A 113 -1.25 -10.36 -1.86
CA PRO A 113 -2.39 -10.44 -1.01
C PRO A 113 -3.61 -11.07 -1.64
N ASP A 114 -3.64 -11.13 -2.96
CA ASP A 114 -4.79 -11.78 -3.59
C ASP A 114 -4.73 -13.32 -3.42
N LYS A 115 -3.54 -13.85 -3.17
CA LYS A 115 -3.35 -15.29 -3.11
C LYS A 115 -3.06 -15.76 -1.65
N PHE A 116 -2.60 -14.91 -0.75
CA PHE A 116 -2.18 -15.32 0.59
C PHE A 116 -2.78 -14.34 1.58
N ASP A 117 -3.36 -14.86 2.65
CA ASP A 117 -3.56 -14.05 3.88
C ASP A 117 -2.21 -13.80 4.53
N GLN A 118 -2.15 -12.74 5.34
CA GLN A 118 -0.99 -12.49 6.13
C GLN A 118 -0.67 -13.68 7.00
N TYR A 119 0.62 -13.93 7.23
CA TYR A 119 1.06 -15.02 8.11
C TYR A 119 1.11 -14.54 9.54
N PRO A 120 0.88 -15.44 10.49
CA PRO A 120 1.08 -15.12 11.88
C PRO A 120 2.52 -14.77 12.27
N LEU A 121 2.71 -13.77 13.13
CA LEU A 121 4.02 -13.53 13.69
C LEU A 121 4.25 -14.40 14.95
N ARG A 122 5.37 -15.11 14.96
CA ARG A 122 5.82 -15.74 16.24
C ARG A 122 7.27 -15.42 16.40
N PHE A 123 7.72 -15.24 17.63
CA PHE A 123 9.10 -14.91 17.90
C PHE A 123 9.55 -15.89 18.96
N SER A 124 10.00 -17.06 18.52
CA SER A 124 10.38 -18.11 19.50
C SER A 124 11.59 -17.72 20.35
N ASP A 125 12.38 -16.76 19.89
CA ASP A 125 13.58 -16.26 20.54
C ASP A 125 13.31 -14.98 21.36
N GLY A 126 12.04 -14.58 21.44
CA GLY A 126 11.62 -13.39 22.17
C GLY A 126 11.22 -12.17 21.30
N GLY A 127 9.99 -11.73 21.47
CA GLY A 127 9.46 -10.74 20.54
C GLY A 127 9.65 -9.31 20.97
N PRO A 128 8.87 -8.47 20.37
CA PRO A 128 8.98 -7.07 20.70
C PRO A 128 8.57 -6.70 22.13
N ASP A 129 9.05 -5.59 22.56
CA ASP A 129 8.81 -5.09 23.86
C ASP A 129 7.37 -4.66 24.08
N GLY A 130 7.03 -4.32 25.35
CA GLY A 130 5.70 -3.98 25.75
C GLY A 130 5.11 -2.70 25.16
N ASN A 131 5.87 -1.94 24.34
CA ASN A 131 5.25 -0.82 23.60
C ASN A 131 4.41 -1.27 22.40
N PHE A 132 4.39 -2.56 22.11
CA PHE A 132 3.81 -3.11 20.90
C PHE A 132 2.92 -4.30 21.17
N ARG A 133 1.92 -4.43 20.35
CA ARG A 133 1.01 -5.58 20.41
C ARG A 133 0.66 -6.00 18.99
N TRP A 134 0.05 -7.16 18.90
CA TRP A 134 -0.40 -7.71 17.61
C TRP A 134 -1.53 -8.67 17.85
N ASP A 135 -2.42 -8.71 16.86
CA ASP A 135 -3.59 -9.62 16.96
C ASP A 135 -3.22 -11.06 16.93
N PHE A 136 -3.93 -11.92 17.66
CA PHE A 136 -3.71 -13.36 17.53
C PHE A 136 -4.21 -13.91 16.19
N ILE A 137 -3.34 -14.60 15.48
CA ILE A 137 -3.69 -15.41 14.32
C ILE A 137 -3.22 -16.82 14.63
N PRO A 138 -4.13 -17.77 14.67
CA PRO A 138 -3.76 -19.12 14.89
C PRO A 138 -2.82 -19.72 13.83
N LEU A 139 -1.97 -20.66 14.26
CA LEU A 139 -1.18 -21.43 13.25
C LEU A 139 -2.08 -22.40 12.45
N PRO B 1 -4.09 22.20 -37.34
CA PRO B 1 -5.04 21.39 -38.13
C PRO B 1 -6.09 20.77 -37.25
N ARG B 2 -5.73 19.89 -36.32
CA ARG B 2 -6.72 19.37 -35.43
C ARG B 2 -7.12 20.52 -34.48
N PRO B 3 -8.36 20.45 -33.90
CA PRO B 3 -8.68 21.50 -32.93
C PRO B 3 -8.00 21.24 -31.60
N PRO B 4 -8.12 22.19 -30.66
CA PRO B 4 -7.60 21.92 -29.30
C PRO B 4 -8.21 20.75 -28.66
N LYS B 5 -7.49 20.17 -27.74
CA LYS B 5 -8.00 19.07 -26.96
C LYS B 5 -7.81 19.39 -25.46
N VAL B 6 -8.90 19.73 -24.75
CA VAL B 6 -8.80 20.26 -23.38
C VAL B 6 -9.07 19.16 -22.42
N GLY B 7 -10.06 18.35 -22.69
CA GLY B 7 -10.45 17.30 -21.69
C GLY B 7 -9.54 16.10 -21.44
N SER B 8 -9.88 15.27 -20.40
CA SER B 8 -9.31 13.96 -20.11
C SER B 8 -9.70 12.91 -21.17
N SER B 9 -10.06 13.39 -22.35
CA SER B 9 -10.55 12.53 -23.41
C SER B 9 -11.23 11.28 -22.85
N GLY B 10 -11.09 10.17 -23.55
CA GLY B 10 -11.27 8.86 -22.94
C GLY B 10 -9.96 8.21 -22.53
N ASN B 11 -9.09 8.97 -21.90
CA ASN B 11 -8.02 8.45 -21.06
C ASN B 11 -8.49 7.60 -19.87
N ALA B 12 -7.58 6.84 -19.28
CA ALA B 12 -7.89 6.02 -18.11
C ALA B 12 -7.09 6.46 -16.90
N SER B 13 -7.32 5.79 -15.77
CA SER B 13 -6.38 5.84 -14.63
C SER B 13 -5.00 5.29 -15.04
N TRP B 14 -3.93 5.79 -14.46
CA TRP B 14 -2.62 5.21 -14.68
C TRP B 14 -2.57 3.78 -14.21
N PHE B 15 -3.35 3.43 -13.17
CA PHE B 15 -3.15 2.18 -12.47
C PHE B 15 -4.26 1.22 -12.66
N GLN B 16 -3.98 -0.09 -12.47
CA GLN B 16 -5.05 -1.05 -12.38
C GLN B 16 -6.06 -0.72 -11.30
N ALA B 17 -7.28 -1.24 -11.45
CA ALA B 17 -8.31 -1.06 -10.40
C ALA B 17 -8.07 -1.85 -9.13
N ILE B 18 -8.76 -1.41 -8.05
CA ILE B 18 -9.09 -2.29 -6.93
C ILE B 18 -10.51 -2.76 -7.07
N LYS B 19 -10.81 -3.98 -6.66
CA LYS B 19 -12.13 -4.55 -6.92
C LYS B 19 -12.73 -4.96 -5.56
N ALA B 20 -14.03 -4.69 -5.42
CA ALA B 20 -14.76 -5.13 -4.26
C ALA B 20 -14.87 -6.64 -4.29
N LYS B 21 -14.91 -7.31 -3.14
CA LYS B 21 -15.14 -8.75 -3.18
C LYS B 21 -16.58 -9.14 -3.27
N LYS B 22 -17.53 -8.23 -2.91
CA LYS B 22 -18.95 -8.58 -2.95
C LYS B 22 -19.74 -7.49 -3.67
N LEU B 23 -20.97 -7.83 -4.04
CA LEU B 23 -21.91 -6.86 -4.59
C LEU B 23 -22.31 -5.79 -3.57
N ASN B 24 -22.15 -6.04 -2.28
CA ASN B 24 -22.47 -5.08 -1.23
C ASN B 24 -21.31 -4.67 -0.42
N SER B 25 -20.09 -4.79 -0.99
CA SER B 25 -18.98 -4.34 -0.15
C SER B 25 -19.11 -2.85 0.10
N PRO B 26 -18.65 -2.37 1.26
CA PRO B 26 -18.60 -0.93 1.48
C PRO B 26 -17.62 -0.21 0.50
N GLN B 27 -17.61 1.10 0.47
CA GLN B 27 -16.52 1.84 -0.19
C GLN B 27 -15.19 1.54 0.48
N PRO B 28 -14.11 1.58 -0.26
CA PRO B 28 -12.81 1.26 0.31
C PRO B 28 -12.43 2.18 1.38
N LYS B 29 -11.77 1.62 2.45
CA LYS B 29 -11.25 2.38 3.56
C LYS B 29 -9.74 2.23 3.59
N PHE B 30 -9.08 3.34 3.94
CA PHE B 30 -7.60 3.37 3.85
C PHE B 30 -7.07 3.88 5.19
N GLU B 31 -6.60 2.99 6.07
CA GLU B 31 -6.02 3.38 7.37
C GLU B 31 -4.68 4.02 7.19
N GLY B 32 -3.93 3.63 6.15
CA GLY B 32 -2.65 4.33 5.82
C GLY B 32 -2.96 5.25 4.67
N SER B 33 -2.03 5.42 3.76
CA SER B 33 -2.15 6.49 2.74
C SER B 33 -3.19 6.16 1.73
N GLY B 34 -3.24 4.93 1.20
CA GLY B 34 -4.15 4.60 0.04
C GLY B 34 -3.65 5.19 -1.30
N VAL B 35 -2.43 5.71 -1.34
CA VAL B 35 -1.91 6.30 -2.55
C VAL B 35 -0.93 5.29 -3.15
N PRO B 36 -1.09 4.95 -4.43
CA PRO B 36 -0.14 4.00 -5.05
C PRO B 36 1.31 4.53 -5.06
N ASP B 37 2.31 3.65 -5.09
CA ASP B 37 3.68 4.11 -5.31
C ASP B 37 3.85 4.72 -6.69
N ASN B 38 4.69 5.75 -6.72
CA ASN B 38 5.05 6.43 -7.97
C ASN B 38 6.24 7.33 -7.62
N GLU B 39 7.42 6.86 -8.03
CA GLU B 39 8.70 7.56 -7.59
C GLU B 39 8.88 8.86 -8.40
N ASN B 40 8.02 9.20 -9.36
CA ASN B 40 8.08 10.55 -9.95
C ASN B 40 7.77 11.62 -8.87
N LEU B 41 7.04 11.27 -7.82
CA LEU B 41 6.41 12.27 -6.93
C LEU B 41 7.04 12.32 -5.55
N LYS B 42 7.16 13.50 -4.96
CA LYS B 42 7.60 13.63 -3.57
C LYS B 42 6.39 13.44 -2.68
N THR B 43 6.62 13.21 -1.38
CA THR B 43 5.58 13.03 -0.38
C THR B 43 4.51 14.16 -0.47
N SER B 44 4.91 15.41 -0.71
CA SER B 44 3.93 16.48 -0.70
C SER B 44 2.91 16.33 -1.78
N GLN B 45 3.23 15.57 -2.84
CA GLN B 45 2.39 15.41 -4.03
C GLN B 45 1.50 14.15 -4.01
N GLN B 46 1.62 13.38 -2.95
CA GLN B 46 1.06 12.03 -2.91
C GLN B 46 -0.36 12.13 -2.35
N HIS B 47 -1.28 12.48 -3.22
CA HIS B 47 -2.68 12.60 -2.86
C HIS B 47 -3.56 12.47 -4.10
N GLY B 48 -4.78 12.01 -3.91
CA GLY B 48 -5.70 11.92 -5.01
C GLY B 48 -6.96 11.22 -4.58
N TYR B 49 -7.71 10.58 -5.51
CA TYR B 49 -9.01 9.99 -5.14
C TYR B 49 -9.13 8.66 -5.80
N TRP B 50 -9.92 7.81 -5.20
CA TRP B 50 -10.44 6.62 -5.81
C TRP B 50 -11.89 6.84 -6.23
N ARG B 51 -12.19 6.51 -7.48
CA ARG B 51 -13.49 6.69 -7.98
C ARG B 51 -14.13 5.38 -8.42
N ARG B 52 -15.37 5.22 -8.00
CA ARG B 52 -16.10 4.02 -8.33
C ARG B 52 -16.48 4.06 -9.83
N GLN B 53 -16.30 2.90 -10.47
CA GLN B 53 -16.93 2.39 -11.66
C GLN B 53 -17.94 1.16 -11.29
N ALA B 54 -19.17 1.40 -11.65
CA ALA B 54 -20.16 0.26 -11.70
C ALA B 54 -19.75 -0.82 -12.72
N ARG B 55 -20.09 -1.98 -12.42
CA ARG B 55 -19.77 -2.99 -13.43
C ARG B 55 -20.89 -3.99 -13.65
N PHE B 56 -21.00 -4.45 -14.90
CA PHE B 56 -22.01 -5.43 -15.28
C PHE B 56 -21.41 -6.42 -16.27
N LYS B 57 -22.02 -7.60 -16.36
CA LYS B 57 -21.55 -8.63 -17.29
C LYS B 57 -22.73 -9.41 -17.91
N PRO B 58 -22.50 -10.08 -19.05
CA PRO B 58 -23.56 -10.86 -19.68
C PRO B 58 -23.77 -12.22 -19.02
N GLY B 59 -24.95 -12.81 -19.24
CA GLY B 59 -25.27 -14.13 -18.72
C GLY B 59 -26.75 -14.44 -18.76
N LYS B 60 -27.23 -15.09 -17.69
CA LYS B 60 -28.63 -15.46 -17.55
C LYS B 60 -29.53 -14.23 -17.54
N GLY B 61 -30.45 -14.18 -18.50
CA GLY B 61 -31.35 -13.04 -18.67
C GLY B 61 -30.71 -11.93 -19.48
N ARG B 62 -29.51 -11.51 -19.04
CA ARG B 62 -28.79 -10.42 -19.71
C ARG B 62 -27.88 -9.69 -18.73
N ARG B 63 -28.41 -8.64 -18.13
CA ARG B 63 -27.64 -7.79 -17.23
C ARG B 63 -27.39 -8.44 -15.86
N LYS B 64 -26.12 -8.73 -15.59
CA LYS B 64 -25.69 -9.30 -14.32
C LYS B 64 -24.91 -8.28 -13.51
N PRO B 65 -25.12 -8.20 -12.18
CA PRO B 65 -24.32 -7.30 -11.36
C PRO B 65 -22.97 -7.92 -11.01
N VAL B 66 -21.70 -6.99 -11.32
CA VAL B 66 -20.34 -7.49 -10.93
C VAL B 66 -19.90 -6.58 -9.80
N PRO B 67 -19.00 -7.02 -8.90
CA PRO B 67 -18.60 -6.07 -7.87
C PRO B 67 -18.03 -4.73 -8.36
N ASP B 68 -18.16 -3.69 -7.54
CA ASP B 68 -17.62 -2.39 -7.94
C ASP B 68 -16.11 -2.47 -8.21
N ALA B 69 -15.63 -1.70 -9.19
CA ALA B 69 -14.22 -1.42 -9.37
C ALA B 69 -13.99 0.04 -8.99
N TRP B 70 -12.84 0.34 -8.39
CA TRP B 70 -12.42 1.70 -8.02
C TRP B 70 -11.08 1.99 -8.64
N TYR B 71 -10.97 3.19 -9.25
CA TYR B 71 -9.72 3.56 -9.98
C TYR B 71 -9.17 4.81 -9.35
N PHE B 72 -7.85 4.92 -9.28
CA PHE B 72 -7.13 6.05 -8.66
C PHE B 72 -6.77 7.15 -9.68
N TYR B 73 -7.03 8.40 -9.26
CA TYR B 73 -6.59 9.56 -10.02
C TYR B 73 -5.91 10.57 -9.11
N TYR B 74 -4.82 11.16 -9.59
CA TYR B 74 -4.26 12.29 -8.84
C TYR B 74 -5.22 13.46 -8.81
N THR B 75 -5.21 14.18 -7.67
CA THR B 75 -6.12 15.35 -7.53
C THR B 75 -5.93 16.28 -8.73
N GLY B 76 -7.05 16.78 -9.26
CA GLY B 76 -6.99 17.71 -10.38
C GLY B 76 -6.92 17.04 -11.72
N THR B 77 -7.03 15.71 -11.75
CA THR B 77 -7.02 14.94 -12.98
C THR B 77 -8.23 14.05 -12.99
N GLY B 78 -8.56 13.47 -14.15
CA GLY B 78 -9.57 12.43 -14.19
C GLY B 78 -10.97 12.94 -14.15
N PRO B 79 -11.94 12.08 -14.05
CA PRO B 79 -13.37 12.50 -14.18
C PRO B 79 -13.74 13.56 -13.18
N ALA B 80 -13.16 13.55 -11.98
CA ALA B 80 -13.44 14.48 -10.89
C ALA B 80 -12.31 15.48 -10.77
N ALA B 81 -11.68 15.86 -11.92
CA ALA B 81 -10.57 16.84 -11.95
C ALA B 81 -11.00 18.15 -11.33
N ASP B 82 -12.28 18.52 -11.47
CA ASP B 82 -12.72 19.83 -10.91
C ASP B 82 -12.83 19.91 -9.41
N LEU B 83 -12.80 18.78 -8.72
CA LEU B 83 -12.95 18.80 -7.26
C LEU B 83 -11.71 19.22 -6.62
N ASN B 84 -11.83 19.87 -5.47
CA ASN B 84 -10.70 20.01 -4.54
C ASN B 84 -10.64 18.82 -3.60
N TRP B 85 -9.44 18.51 -3.15
CA TRP B 85 -9.24 17.37 -2.24
C TRP B 85 -10.15 17.51 -1.02
N GLY B 86 -10.89 16.48 -0.70
CA GLY B 86 -11.81 16.47 0.38
C GLY B 86 -13.26 16.80 0.05
N ASP B 87 -13.57 17.31 -1.14
CA ASP B 87 -14.96 17.59 -1.57
C ASP B 87 -15.79 16.28 -1.56
N SER B 88 -16.90 16.30 -0.82
CA SER B 88 -17.89 15.23 -0.91
C SER B 88 -18.25 14.95 -2.37
N GLN B 89 -18.42 13.67 -2.70
CA GLN B 89 -19.15 13.28 -3.90
C GLN B 89 -19.31 11.78 -3.81
N ASP B 90 -20.52 11.31 -4.01
CA ASP B 90 -20.74 9.90 -3.99
C ASP B 90 -19.86 9.12 -4.96
N GLY B 91 -19.20 8.06 -4.49
CA GLY B 91 -18.30 7.21 -5.34
C GLY B 91 -16.95 7.84 -5.50
N ILE B 92 -16.59 8.74 -4.57
CA ILE B 92 -15.20 9.34 -4.50
C ILE B 92 -14.68 9.17 -3.11
N VAL B 93 -13.54 8.52 -2.95
CA VAL B 93 -12.84 8.45 -1.65
C VAL B 93 -11.47 9.14 -1.77
N TRP B 94 -11.23 10.15 -0.95
CA TRP B 94 -10.00 10.92 -0.95
C TRP B 94 -8.92 10.22 -0.14
N VAL B 95 -7.68 10.23 -0.70
CA VAL B 95 -6.52 9.65 -0.05
C VAL B 95 -5.38 10.60 -0.08
N ALA B 96 -4.53 10.51 0.90
CA ALA B 96 -3.30 11.33 0.97
C ALA B 96 -2.27 10.71 1.91
N ALA B 97 -1.00 10.79 1.52
CA ALA B 97 0.06 10.31 2.40
C ALA B 97 0.12 11.22 3.60
N LYS B 98 0.64 10.70 4.73
CA LYS B 98 1.00 11.60 5.83
C LYS B 98 2.02 12.64 5.25
N GLY B 99 1.79 13.92 5.44
CA GLY B 99 2.70 14.92 4.92
C GLY B 99 2.34 15.46 3.52
N ALA B 100 1.29 14.94 2.90
CA ALA B 100 0.84 15.54 1.66
C ALA B 100 0.37 17.00 1.83
N ASP B 101 0.62 17.81 0.79
CA ASP B 101 -0.02 19.12 0.66
C ASP B 101 -1.10 18.95 -0.39
N VAL B 102 -2.32 18.82 0.00
CA VAL B 102 -3.39 18.46 -0.94
C VAL B 102 -3.70 19.56 -1.91
N LYS B 103 -2.93 20.66 -1.81
CA LYS B 103 -2.99 21.72 -2.86
C LYS B 103 -1.89 21.59 -3.91
N SER B 104 -0.91 20.73 -3.69
CA SER B 104 0.16 20.63 -4.67
C SER B 104 -0.50 19.98 -5.89
N ARG B 105 -0.42 20.57 -7.02
CA ARG B 105 -1.13 19.89 -8.05
C ARG B 105 -0.02 19.27 -8.77
N SER B 106 0.04 17.96 -8.71
CA SER B 106 0.85 17.11 -9.51
C SER B 106 0.68 17.27 -11.01
N ASN B 107 1.74 16.79 -11.57
CA ASN B 107 1.99 16.65 -12.99
C ASN B 107 2.09 15.28 -13.67
N GLN B 108 1.24 14.32 -13.29
CA GLN B 108 1.21 13.04 -13.94
C GLN B 108 0.14 12.88 -15.04
N GLY B 109 -0.87 13.73 -15.06
CA GLY B 109 -1.91 13.54 -16.10
C GLY B 109 -2.57 12.22 -15.97
N THR B 110 -3.19 11.78 -17.07
CA THR B 110 -3.90 10.50 -17.18
C THR B 110 -3.37 9.69 -18.31
N ARG B 111 -3.82 8.42 -18.37
CA ARG B 111 -3.22 7.43 -19.28
C ARG B 111 -3.95 7.31 -20.60
N ASP B 112 -3.21 7.53 -21.66
CA ASP B 112 -3.78 7.16 -22.92
C ASP B 112 -3.62 5.61 -23.15
N PRO B 113 -4.76 4.86 -23.18
CA PRO B 113 -4.68 3.41 -23.23
C PRO B 113 -4.18 2.84 -24.51
N ASP B 114 -4.13 3.67 -25.55
CA ASP B 114 -3.60 3.14 -26.85
C ASP B 114 -2.08 3.16 -26.79
N LYS B 115 -1.47 3.85 -25.84
CA LYS B 115 -0.01 4.03 -25.70
C LYS B 115 0.58 3.34 -24.50
N PHE B 116 -0.14 3.30 -23.35
CA PHE B 116 0.44 2.79 -22.14
C PHE B 116 -0.51 1.75 -21.58
N ASP B 117 0.08 0.69 -21.06
CA ASP B 117 -0.68 -0.31 -20.32
C ASP B 117 -1.00 0.21 -18.91
N GLN B 118 -1.97 -0.39 -18.22
CA GLN B 118 -2.20 -0.08 -16.81
C GLN B 118 -0.97 -0.40 -16.00
N TYR B 119 -0.68 0.41 -14.99
CA TYR B 119 0.46 0.17 -14.17
C TYR B 119 0.07 -0.59 -12.90
N PRO B 120 0.97 -1.42 -12.37
CA PRO B 120 0.69 -2.14 -11.12
C PRO B 120 0.49 -1.24 -9.89
N LEU B 121 -0.38 -1.68 -8.98
CA LEU B 121 -0.52 -0.99 -7.73
C LEU B 121 0.52 -1.55 -6.74
N ARG B 122 1.23 -0.68 -6.07
CA ARG B 122 2.10 -1.07 -5.02
C ARG B 122 1.77 -0.10 -3.94
N PHE B 123 1.58 -0.62 -2.71
CA PHE B 123 1.15 0.26 -1.60
C PHE B 123 2.17 0.29 -0.47
N SER B 124 3.18 1.16 -0.53
N SER B 124 3.16 1.17 -0.54
CA SER B 124 4.21 1.18 0.54
CA SER B 124 4.20 1.14 0.48
C SER B 124 3.57 1.50 1.91
C SER B 124 3.70 1.61 1.85
N ASP B 125 2.62 2.42 1.88
CA ASP B 125 2.13 3.10 3.05
C ASP B 125 0.70 2.73 3.38
N GLY B 126 0.24 1.60 2.84
CA GLY B 126 -1.08 1.03 3.07
C GLY B 126 -2.00 1.22 1.90
N GLY B 127 -2.78 0.19 1.67
CA GLY B 127 -3.76 0.15 0.64
C GLY B 127 -5.14 0.00 1.22
N PRO B 128 -6.09 -0.45 0.39
CA PRO B 128 -7.47 -0.55 0.89
C PRO B 128 -7.58 -1.76 1.83
N ASP B 129 -8.69 -1.72 2.57
CA ASP B 129 -9.01 -2.73 3.53
C ASP B 129 -9.31 -4.08 2.81
N GLY B 130 -9.48 -5.12 3.62
CA GLY B 130 -9.72 -6.43 3.12
C GLY B 130 -10.98 -6.75 2.36
N ASN B 131 -11.87 -5.78 2.22
CA ASN B 131 -13.00 -5.97 1.30
C ASN B 131 -12.62 -5.87 -0.21
N PHE B 132 -11.33 -5.56 -0.47
CA PHE B 132 -10.88 -5.23 -1.81
C PHE B 132 -9.76 -6.15 -2.20
N ARG B 133 -9.63 -6.40 -3.51
CA ARG B 133 -8.56 -7.24 -4.06
C ARG B 133 -8.27 -6.81 -5.46
N TRP B 134 -7.16 -7.31 -6.02
CA TRP B 134 -6.80 -7.03 -7.39
C TRP B 134 -5.78 -8.08 -7.74
N ASP B 135 -5.71 -8.37 -9.02
CA ASP B 135 -4.74 -9.35 -9.48
C ASP B 135 -3.31 -8.78 -9.43
N PHE B 136 -2.39 -9.60 -9.05
CA PHE B 136 -0.96 -9.14 -9.09
C PHE B 136 -0.47 -9.01 -10.50
N ILE B 137 0.19 -7.90 -10.74
CA ILE B 137 0.79 -7.63 -12.05
C ILE B 137 2.27 -7.48 -11.79
N PRO B 138 3.09 -8.43 -12.24
CA PRO B 138 4.52 -8.28 -12.02
C PRO B 138 5.13 -7.12 -12.83
N LEU B 139 6.20 -6.59 -12.28
CA LEU B 139 7.07 -5.58 -12.93
C LEU B 139 6.49 -4.27 -12.47
#